data_7MZY
#
_entry.id   7MZY
#
_cell.length_a   70.289
_cell.length_b   133.356
_cell.length_c   62.909
_cell.angle_alpha   90.000
_cell.angle_beta   90.000
_cell.angle_gamma   90.000
#
_symmetry.space_group_name_H-M   'P 21 21 2'
#
loop_
_entity.id
_entity.type
_entity.pdbx_description
1 polymer 'ALK tyrosine kinase receptor'
2 non-polymer 'ACETATE ION'
3 water water
#
_entity_poly.entity_id   1
_entity_poly.type   'polypeptide(L)'
_entity_poly.pdbx_seq_one_letter_code
;GQTPIFDPTVHWLFTTCGASGPHGPTQAQCNNAYQNSNLSVEVGSEGPLKGIQIWKVPATDTYSISGYGAAGGKGGKNTM
MRSHGVSVLGIFNLEKDDMLYILVGQQGEDACPSTNQLIQKVCIGENNVIEEEIRVNRSVHEWAGGGGGGGGATYVFKMK
DGVPVPLIIAAGGGGRAYGAKTDTFHPERLENNSSVLGLNGNSGAAGGGGGWNDNTSLLWAGKSLQEGATGGHSCPQAMK
KWGWETRGGFGGGGGGCSSGGGGGGYIGGNAASNNDPEMDGEDGVSFISPLGILYTPALKVMEGHGEVNIKHYLN
;
_entity_poly.pdbx_strand_id   A,B
#
loop_
_chem_comp.id
_chem_comp.type
_chem_comp.name
_chem_comp.formula
ACT non-polymer 'ACETATE ION' 'C2 H3 O2 -1'
#
# COMPACT_ATOMS: atom_id res chain seq x y z
N PHE A 6 -23.22 -2.17 -21.38
CA PHE A 6 -22.12 -3.03 -21.87
C PHE A 6 -20.80 -2.84 -21.09
N ASP A 7 -20.84 -2.96 -19.77
CA ASP A 7 -19.63 -2.87 -18.96
C ASP A 7 -18.85 -4.17 -19.07
N PRO A 8 -17.57 -4.13 -19.45
CA PRO A 8 -16.79 -5.38 -19.57
C PRO A 8 -16.27 -5.93 -18.24
N THR A 9 -16.61 -5.32 -17.10
CA THR A 9 -16.07 -5.75 -15.82
C THR A 9 -16.84 -6.97 -15.31
N VAL A 10 -16.12 -8.04 -15.04
CA VAL A 10 -16.65 -9.24 -14.40
C VAL A 10 -16.01 -9.32 -13.02
N HIS A 11 -16.85 -9.44 -11.99
CA HIS A 11 -16.40 -9.28 -10.60
C HIS A 11 -16.94 -10.38 -9.70
N TRP A 12 -16.08 -10.96 -8.86
CA TRP A 12 -16.53 -11.95 -7.87
C TRP A 12 -16.09 -11.49 -6.48
N LEU A 13 -17.01 -11.56 -5.52
N LEU A 13 -17.03 -11.51 -5.54
CA LEU A 13 -16.77 -11.08 -4.16
CA LEU A 13 -16.77 -11.09 -4.16
C LEU A 13 -16.92 -12.27 -3.21
C LEU A 13 -16.91 -12.31 -3.27
N PHE A 14 -15.80 -12.70 -2.63
CA PHE A 14 -15.78 -13.84 -1.72
C PHE A 14 -15.92 -13.30 -0.30
N THR A 15 -16.78 -13.94 0.51
CA THR A 15 -16.97 -13.51 1.89
C THR A 15 -16.75 -14.68 2.83
N THR A 16 -17.03 -14.52 4.13
CA THR A 16 -16.97 -15.69 5.01
C THR A 16 -18.20 -16.58 4.88
N CYS A 17 -19.12 -16.28 3.94
CA CYS A 17 -20.34 -17.08 3.77
C CYS A 17 -21.17 -17.14 5.04
N GLY A 18 -21.06 -16.13 5.90
CA GLY A 18 -21.81 -16.03 7.12
C GLY A 18 -21.16 -16.69 8.31
N ALA A 19 -19.98 -17.27 8.12
CA ALA A 19 -19.29 -17.96 9.18
C ALA A 19 -18.52 -16.94 10.01
N SER A 20 -18.30 -17.27 11.27
CA SER A 20 -17.53 -16.45 12.19
C SER A 20 -16.77 -17.37 13.14
N GLY A 21 -15.85 -16.80 13.87
CA GLY A 21 -15.18 -17.58 14.89
C GLY A 21 -13.96 -18.27 14.30
N PRO A 22 -13.43 -19.25 15.04
CA PRO A 22 -12.16 -19.89 14.66
C PRO A 22 -12.23 -20.87 13.49
N HIS A 23 -13.42 -21.28 13.07
CA HIS A 23 -13.58 -22.25 11.98
C HIS A 23 -14.30 -21.62 10.79
N GLY A 24 -13.91 -22.08 9.58
CA GLY A 24 -14.42 -21.53 8.34
C GLY A 24 -15.76 -22.10 7.93
N PRO A 25 -16.28 -21.58 6.81
CA PRO A 25 -17.63 -21.97 6.36
C PRO A 25 -17.68 -23.36 5.77
N THR A 26 -18.90 -23.89 5.67
CA THR A 26 -19.17 -25.15 4.99
C THR A 26 -19.63 -24.88 3.56
N GLN A 27 -19.67 -25.95 2.75
CA GLN A 27 -20.21 -25.83 1.39
C GLN A 27 -21.63 -25.27 1.39
N ALA A 28 -22.46 -25.75 2.31
CA ALA A 28 -23.84 -25.27 2.40
C ALA A 28 -23.88 -23.78 2.68
N GLN A 29 -23.06 -23.32 3.63
CA GLN A 29 -23.05 -21.89 3.90
C GLN A 29 -22.67 -21.08 2.66
N CYS A 30 -21.64 -21.50 1.93
CA CYS A 30 -21.26 -20.70 0.77
C CYS A 30 -22.31 -20.75 -0.35
N ASN A 31 -22.92 -21.93 -0.56
CA ASN A 31 -24.00 -22.03 -1.55
C ASN A 31 -25.13 -21.06 -1.24
N ASN A 32 -25.49 -20.95 0.04
CA ASN A 32 -26.54 -20.01 0.42
C ASN A 32 -26.09 -18.56 0.23
N ALA A 33 -24.86 -18.25 0.65
CA ALA A 33 -24.38 -16.89 0.52
C ALA A 33 -24.29 -16.46 -0.92
N TYR A 34 -23.90 -17.37 -1.83
CA TYR A 34 -23.60 -17.05 -3.22
C TYR A 34 -24.73 -17.43 -4.16
N GLN A 35 -25.87 -17.87 -3.62
CA GLN A 35 -27.00 -18.28 -4.43
C GLN A 35 -27.41 -17.16 -5.37
N ASN A 36 -27.63 -17.54 -6.61
CA ASN A 36 -28.09 -16.71 -7.71
C ASN A 36 -27.02 -15.76 -8.23
N SER A 37 -25.79 -15.82 -7.69
CA SER A 37 -24.70 -14.98 -8.18
C SER A 37 -23.89 -15.74 -9.22
N ASN A 38 -22.92 -15.06 -9.81
CA ASN A 38 -22.02 -15.72 -10.75
C ASN A 38 -20.84 -16.38 -10.03
N LEU A 39 -20.91 -16.52 -8.70
CA LEU A 39 -19.81 -17.10 -7.92
C LEU A 39 -20.24 -18.50 -7.51
N SER A 40 -19.45 -19.49 -7.91
CA SER A 40 -19.62 -20.85 -7.42
C SER A 40 -18.28 -21.33 -6.89
N VAL A 41 -18.24 -21.86 -5.66
CA VAL A 41 -17.01 -22.40 -5.10
C VAL A 41 -17.25 -23.83 -4.62
N GLU A 42 -16.16 -24.58 -4.50
CA GLU A 42 -16.16 -25.87 -3.81
C GLU A 42 -15.44 -25.66 -2.49
N VAL A 43 -16.08 -26.06 -1.39
CA VAL A 43 -15.50 -25.85 -0.06
C VAL A 43 -15.08 -27.20 0.48
N GLY A 44 -13.79 -27.32 0.79
CA GLY A 44 -13.29 -28.57 1.34
C GLY A 44 -13.92 -28.87 2.70
N SER A 45 -14.05 -30.16 2.97
CA SER A 45 -14.73 -30.62 4.16
C SER A 45 -13.81 -31.28 5.16
N GLU A 46 -12.61 -31.69 4.73
CA GLU A 46 -11.74 -32.41 5.64
C GLU A 46 -10.30 -32.04 5.34
N GLY A 47 -9.44 -32.28 6.32
CA GLY A 47 -8.05 -31.97 6.21
C GLY A 47 -7.80 -30.48 6.12
N PRO A 48 -6.60 -30.10 5.67
CA PRO A 48 -6.19 -28.70 5.78
C PRO A 48 -6.91 -27.77 4.83
N LEU A 49 -7.68 -28.28 3.87
CA LEU A 49 -8.46 -27.42 2.98
C LEU A 49 -9.87 -27.14 3.49
N LYS A 50 -10.22 -27.62 4.67
CA LYS A 50 -11.55 -27.40 5.22
C LYS A 50 -11.83 -25.90 5.37
N GLY A 51 -12.94 -25.45 4.82
CA GLY A 51 -13.33 -24.06 4.89
C GLY A 51 -12.65 -23.17 3.88
N ILE A 52 -11.79 -23.72 3.04
CA ILE A 52 -11.16 -22.97 1.97
C ILE A 52 -11.99 -23.11 0.69
N GLN A 53 -12.23 -21.98 0.04
CA GLN A 53 -13.13 -21.92 -1.11
C GLN A 53 -12.31 -22.09 -2.38
N ILE A 54 -12.66 -23.09 -3.19
CA ILE A 54 -11.90 -23.45 -4.39
C ILE A 54 -12.68 -22.99 -5.62
N TRP A 55 -12.01 -22.23 -6.47
CA TRP A 55 -12.68 -21.49 -7.53
C TRP A 55 -11.98 -21.79 -8.85
N LYS A 56 -12.76 -22.08 -9.87
CA LYS A 56 -12.23 -22.46 -11.16
C LYS A 56 -12.10 -21.20 -12.02
N VAL A 57 -10.89 -20.92 -12.48
CA VAL A 57 -10.67 -19.73 -13.33
C VAL A 57 -11.43 -19.91 -14.65
N PRO A 58 -12.30 -18.97 -15.04
CA PRO A 58 -13.19 -19.23 -16.18
C PRO A 58 -12.52 -19.03 -17.54
N ALA A 59 -11.49 -18.19 -17.60
CA ALA A 59 -10.87 -17.84 -18.88
C ALA A 59 -9.42 -17.45 -18.68
N THR A 60 -8.55 -17.82 -19.63
CA THR A 60 -7.17 -17.37 -19.62
C THR A 60 -7.13 -15.86 -19.82
N ASP A 61 -6.63 -15.12 -18.84
CA ASP A 61 -6.73 -13.67 -18.93
C ASP A 61 -5.91 -13.10 -17.78
N THR A 62 -5.89 -11.77 -17.71
CA THR A 62 -5.26 -11.04 -16.60
C THR A 62 -6.35 -10.69 -15.60
N TYR A 63 -6.14 -11.07 -14.33
CA TYR A 63 -7.12 -10.80 -13.27
C TYR A 63 -6.52 -9.92 -12.19
N SER A 64 -7.34 -9.09 -11.58
CA SER A 64 -6.92 -8.39 -10.37
C SER A 64 -7.49 -9.12 -9.15
N ILE A 65 -6.64 -9.32 -8.14
CA ILE A 65 -7.01 -10.10 -6.97
C ILE A 65 -6.73 -9.23 -5.77
N SER A 66 -7.78 -8.87 -5.02
CA SER A 66 -7.70 -8.03 -3.84
C SER A 66 -8.11 -8.83 -2.61
N GLY A 67 -7.34 -8.73 -1.52
CA GLY A 67 -7.70 -9.37 -0.26
C GLY A 67 -7.74 -8.39 0.89
N TYR A 68 -8.71 -8.58 1.80
CA TYR A 68 -8.79 -7.81 3.05
C TYR A 68 -8.72 -8.84 4.18
N GLY A 69 -7.74 -8.71 5.09
CA GLY A 69 -7.77 -9.54 6.28
C GLY A 69 -8.83 -9.08 7.32
N ALA A 70 -8.99 -9.89 8.38
CA ALA A 70 -10.01 -9.59 9.40
C ALA A 70 -9.46 -8.79 10.56
N ALA A 71 -10.35 -8.09 11.26
CA ALA A 71 -9.95 -7.33 12.43
C ALA A 71 -9.73 -8.22 13.64
N GLY A 72 -8.91 -7.75 14.58
CA GLY A 72 -8.80 -8.40 15.87
C GLY A 72 -9.99 -8.09 16.83
N GLY A 73 -10.05 -8.85 17.93
CA GLY A 73 -11.08 -8.62 18.92
C GLY A 73 -10.69 -7.50 19.87
N LYS A 74 -11.69 -6.96 20.56
CA LYS A 74 -11.54 -5.95 21.61
C LYS A 74 -11.30 -6.60 22.96
N GLY A 75 -10.71 -5.83 23.89
CA GLY A 75 -10.42 -6.26 25.24
C GLY A 75 -11.57 -5.95 26.21
N GLY A 76 -11.39 -6.41 27.44
CA GLY A 76 -12.49 -6.35 28.39
C GLY A 76 -12.81 -4.93 28.77
N LYS A 77 -11.84 -4.05 28.67
CA LYS A 77 -12.12 -2.63 28.88
C LYS A 77 -12.54 -1.98 27.55
N MET A 80 -11.31 -0.08 23.43
CA MET A 80 -10.50 0.74 22.53
C MET A 80 -10.76 0.27 21.12
N MET A 81 -10.41 1.09 20.13
CA MET A 81 -10.51 0.71 18.73
C MET A 81 -9.91 -0.69 18.59
N ARG A 82 -10.61 -1.57 17.89
CA ARG A 82 -9.94 -2.82 17.51
C ARG A 82 -8.84 -2.52 16.49
N SER A 83 -7.92 -3.46 16.35
CA SER A 83 -6.92 -3.38 15.30
C SER A 83 -7.50 -3.99 14.04
N HIS A 84 -7.60 -3.19 12.98
CA HIS A 84 -8.26 -3.65 11.76
C HIS A 84 -7.35 -4.50 10.89
N GLY A 85 -7.97 -5.33 10.06
CA GLY A 85 -7.26 -6.06 9.04
C GLY A 85 -6.76 -5.09 7.98
N VAL A 86 -5.87 -5.58 7.12
CA VAL A 86 -5.35 -4.79 6.01
C VAL A 86 -5.74 -5.40 4.68
N SER A 87 -5.63 -4.57 3.61
CA SER A 87 -5.94 -5.03 2.27
C SER A 87 -4.72 -4.95 1.36
N VAL A 88 -4.66 -5.84 0.38
CA VAL A 88 -3.58 -5.88 -0.61
C VAL A 88 -4.20 -6.24 -1.94
N LEU A 89 -3.78 -5.57 -3.04
CA LEU A 89 -4.31 -5.92 -4.37
C LEU A 89 -3.14 -6.19 -5.31
N GLY A 90 -3.26 -7.26 -6.12
CA GLY A 90 -2.25 -7.59 -7.12
C GLY A 90 -2.91 -8.00 -8.44
N ILE A 91 -2.13 -7.93 -9.52
CA ILE A 91 -2.58 -8.28 -10.88
C ILE A 91 -1.89 -9.58 -11.28
N PHE A 92 -2.66 -10.53 -11.80
CA PHE A 92 -2.07 -11.84 -12.08
C PHE A 92 -2.60 -12.35 -13.42
N ASN A 93 -1.76 -13.11 -14.12
CA ASN A 93 -2.20 -13.80 -15.32
C ASN A 93 -2.55 -15.23 -14.95
N LEU A 94 -3.81 -15.62 -15.15
CA LEU A 94 -4.26 -16.98 -14.89
C LEU A 94 -4.71 -17.65 -16.18
N GLU A 95 -4.68 -18.98 -16.19
CA GLU A 95 -5.09 -19.76 -17.35
C GLU A 95 -6.45 -20.42 -17.07
N LYS A 96 -7.28 -20.49 -18.11
CA LYS A 96 -8.57 -21.15 -17.99
C LYS A 96 -8.40 -22.54 -17.38
N ASP A 97 -9.33 -22.88 -16.48
CA ASP A 97 -9.37 -24.13 -15.72
C ASP A 97 -8.35 -24.15 -14.57
N ASP A 98 -7.55 -23.11 -14.37
CA ASP A 98 -6.75 -23.02 -13.15
C ASP A 98 -7.68 -23.03 -11.95
N MET A 99 -7.21 -23.58 -10.85
CA MET A 99 -7.94 -23.58 -9.59
CA MET A 99 -7.95 -23.57 -9.59
C MET A 99 -7.26 -22.61 -8.63
N LEU A 100 -8.02 -21.63 -8.12
CA LEU A 100 -7.55 -20.77 -7.02
C LEU A 100 -8.20 -21.21 -5.72
N TYR A 101 -7.46 -20.98 -4.64
CA TYR A 101 -7.84 -21.37 -3.29
C TYR A 101 -7.94 -20.08 -2.46
N ILE A 102 -9.12 -19.82 -1.90
CA ILE A 102 -9.44 -18.57 -1.22
C ILE A 102 -9.85 -18.86 0.23
N LEU A 103 -9.12 -18.29 1.18
CA LEU A 103 -9.49 -18.38 2.59
C LEU A 103 -9.82 -16.96 3.01
N VAL A 104 -11.06 -16.71 3.39
CA VAL A 104 -11.45 -15.38 3.84
C VAL A 104 -11.31 -15.29 5.36
N GLY A 105 -10.45 -14.38 5.86
CA GLY A 105 -10.22 -14.33 7.31
C GLY A 105 -11.47 -13.90 8.07
N GLN A 106 -11.56 -14.41 9.31
CA GLN A 106 -12.65 -14.07 10.21
C GLN A 106 -12.16 -13.29 11.44
N GLN A 107 -13.04 -12.44 11.96
CA GLN A 107 -12.69 -11.53 13.04
C GLN A 107 -12.29 -12.29 14.32
N GLY A 108 -11.28 -11.78 15.02
CA GLY A 108 -10.98 -12.27 16.35
C GLY A 108 -12.14 -12.02 17.32
N GLU A 109 -12.30 -12.95 18.27
CA GLU A 109 -13.40 -12.75 19.22
C GLU A 109 -13.14 -11.59 20.18
N ASP A 110 -14.22 -10.85 20.49
CA ASP A 110 -14.18 -9.83 21.52
C ASP A 110 -14.30 -10.46 22.89
N ALA A 111 -13.61 -9.87 23.89
CA ALA A 111 -13.73 -10.36 25.25
C ALA A 111 -15.13 -10.19 25.83
N CYS A 112 -15.78 -9.06 25.51
CA CYS A 112 -17.08 -8.71 26.05
C CYS A 112 -18.10 -8.54 24.92
N PRO A 113 -19.40 -8.77 25.20
CA PRO A 113 -19.95 -9.15 26.50
C PRO A 113 -19.86 -10.64 26.73
N SER A 114 -20.41 -11.11 27.85
CA SER A 114 -20.34 -12.54 28.15
C SER A 114 -21.67 -13.05 28.69
N THR A 115 -21.96 -14.31 28.39
CA THR A 115 -23.10 -15.00 28.99
C THR A 115 -22.80 -15.52 30.37
N ASN A 116 -21.55 -15.48 30.79
CA ASN A 116 -21.18 -15.78 32.16
C ASN A 116 -21.39 -14.53 33.01
N GLN A 117 -22.29 -14.62 34.00
CA GLN A 117 -22.66 -13.45 34.78
C GLN A 117 -21.49 -12.83 35.53
N LEU A 118 -20.54 -13.64 36.01
CA LEU A 118 -19.39 -13.05 36.68
C LEU A 118 -18.53 -12.26 35.71
N ILE A 119 -18.26 -12.83 34.54
CA ILE A 119 -17.46 -12.12 33.53
C ILE A 119 -18.20 -10.88 33.06
N GLN A 120 -19.50 -10.99 32.85
CA GLN A 120 -20.26 -9.82 32.42
C GLN A 120 -20.17 -8.68 33.43
N LYS A 121 -20.12 -8.98 34.73
CA LYS A 121 -19.92 -7.91 35.69
C LYS A 121 -18.56 -7.24 35.53
N VAL A 122 -17.52 -7.99 35.11
CA VAL A 122 -16.26 -7.36 34.74
C VAL A 122 -16.47 -6.42 33.55
N CYS A 123 -17.18 -6.92 32.53
CA CYS A 123 -17.36 -6.17 31.28
C CYS A 123 -18.05 -4.84 31.52
N ILE A 124 -19.01 -4.79 32.45
CA ILE A 124 -19.81 -3.58 32.66
C ILE A 124 -19.19 -2.71 33.76
N GLY A 125 -18.00 -3.07 34.21
CA GLY A 125 -17.28 -2.23 35.16
C GLY A 125 -17.71 -2.34 36.62
N GLU A 126 -18.44 -3.39 36.99
CA GLU A 126 -18.86 -3.59 38.38
C GLU A 126 -17.99 -4.55 39.18
N ASN A 127 -17.14 -5.32 38.52
CA ASN A 127 -16.29 -6.31 39.17
C ASN A 127 -14.83 -5.90 38.92
N ASN A 128 -14.13 -5.51 39.98
CA ASN A 128 -12.78 -4.99 39.83
C ASN A 128 -11.70 -5.99 40.19
N VAL A 129 -12.01 -7.29 40.12
CA VAL A 129 -11.07 -8.29 40.60
C VAL A 129 -9.77 -8.28 39.80
N ILE A 130 -9.85 -8.02 38.48
CA ILE A 130 -8.62 -7.97 37.68
C ILE A 130 -7.78 -6.74 38.05
N GLU A 131 -8.44 -5.59 38.19
CA GLU A 131 -7.70 -4.37 38.55
C GLU A 131 -7.03 -4.54 39.90
N GLU A 132 -7.68 -5.22 40.81
CA GLU A 132 -7.06 -5.52 42.10
C GLU A 132 -5.83 -6.39 41.94
N GLU A 133 -5.90 -7.43 41.10
CA GLU A 133 -4.73 -8.29 40.94
C GLU A 133 -3.58 -7.52 40.31
N ILE A 134 -3.90 -6.67 39.35
CA ILE A 134 -2.89 -5.91 38.61
C ILE A 134 -2.15 -4.98 39.54
N ARG A 135 -2.85 -4.42 40.52
CA ARG A 135 -2.20 -3.50 41.45
C ARG A 135 -1.06 -4.17 42.17
N VAL A 136 -1.03 -5.50 42.21
CA VAL A 136 -0.01 -6.23 42.95
C VAL A 136 0.96 -7.02 42.08
N ASN A 137 0.76 -7.10 40.76
CA ASN A 137 1.61 -7.94 39.93
C ASN A 137 1.85 -7.30 38.56
N ARG A 138 2.97 -7.68 37.94
CA ARG A 138 3.25 -7.19 36.59
C ARG A 138 2.31 -7.82 35.57
N SER A 139 2.09 -9.13 35.68
CA SER A 139 1.12 -9.83 34.85
C SER A 139 -0.10 -10.22 35.70
N VAL A 140 -1.07 -10.76 35.02
CA VAL A 140 -2.24 -11.35 35.66
C VAL A 140 -2.00 -12.84 35.70
N HIS A 141 -2.14 -13.44 36.87
CA HIS A 141 -1.93 -14.88 36.97
C HIS A 141 -3.15 -15.65 37.36
N GLU A 142 -4.02 -15.10 38.20
N GLU A 142 -4.04 -15.09 38.18
CA GLU A 142 -5.22 -15.79 38.65
CA GLU A 142 -5.22 -15.82 38.63
C GLU A 142 -6.41 -15.50 37.76
C GLU A 142 -6.42 -15.51 37.75
N TRP A 143 -6.80 -14.24 37.66
CA TRP A 143 -7.99 -13.85 36.93
C TRP A 143 -7.69 -13.53 35.47
N ALA A 144 -7.09 -14.53 34.80
CA ALA A 144 -6.66 -14.39 33.41
C ALA A 144 -7.85 -14.35 32.45
N GLY A 145 -7.70 -13.62 31.35
CA GLY A 145 -8.75 -13.47 30.36
C GLY A 145 -9.00 -12.00 30.05
N GLY A 146 -9.85 -11.80 29.05
CA GLY A 146 -10.25 -10.45 28.71
C GLY A 146 -9.47 -9.81 27.59
N GLY A 147 -8.44 -10.48 27.06
CA GLY A 147 -7.77 -10.00 25.85
C GLY A 147 -8.47 -10.53 24.61
N GLY A 148 -8.51 -9.72 23.55
CA GLY A 148 -9.20 -10.15 22.37
C GLY A 148 -8.37 -11.13 21.55
N GLY A 149 -9.08 -11.96 20.75
CA GLY A 149 -8.40 -12.85 19.83
C GLY A 149 -7.88 -12.12 18.61
N GLY A 150 -6.85 -12.68 17.98
CA GLY A 150 -6.36 -12.13 16.73
C GLY A 150 -7.33 -12.39 15.57
N GLY A 151 -7.37 -11.47 14.58
CA GLY A 151 -8.12 -11.72 13.36
C GLY A 151 -7.36 -12.64 12.41
N GLY A 152 -8.13 -13.42 11.64
CA GLY A 152 -7.52 -14.22 10.60
C GLY A 152 -7.06 -13.36 9.43
N ALA A 153 -5.97 -13.83 8.79
CA ALA A 153 -5.56 -13.31 7.50
C ALA A 153 -6.43 -13.87 6.39
N THR A 154 -6.44 -13.15 5.27
CA THR A 154 -7.09 -13.63 4.06
C THR A 154 -6.00 -14.12 3.11
N TYR A 155 -6.17 -15.34 2.58
CA TYR A 155 -5.17 -15.99 1.73
C TYR A 155 -5.75 -16.34 0.37
N VAL A 156 -5.01 -16.01 -0.70
CA VAL A 156 -5.38 -16.50 -2.05
C VAL A 156 -4.16 -17.23 -2.60
N PHE A 157 -4.34 -18.50 -2.99
CA PHE A 157 -3.20 -19.28 -3.48
C PHE A 157 -3.59 -20.24 -4.60
N LYS A 158 -2.58 -20.81 -5.26
CA LYS A 158 -2.79 -21.85 -6.27
C LYS A 158 -1.91 -23.05 -5.94
N MET A 159 -2.11 -24.14 -6.67
CA MET A 159 -1.26 -25.31 -6.61
C MET A 159 -0.33 -25.31 -7.81
N LYS A 160 0.91 -25.75 -7.58
CA LYS A 160 1.87 -25.96 -8.65
C LYS A 160 2.54 -27.30 -8.35
N ASP A 161 2.24 -28.31 -9.16
CA ASP A 161 2.82 -29.64 -9.00
C ASP A 161 2.54 -30.21 -7.62
N GLY A 162 1.33 -29.96 -7.12
CA GLY A 162 0.95 -30.43 -5.81
C GLY A 162 1.48 -29.61 -4.65
N VAL A 163 2.01 -28.42 -4.89
CA VAL A 163 2.62 -27.60 -3.86
C VAL A 163 1.88 -26.27 -3.82
N PRO A 164 1.38 -25.84 -2.65
CA PRO A 164 0.72 -24.53 -2.57
C PRO A 164 1.70 -23.41 -2.87
N VAL A 165 1.24 -22.44 -3.64
CA VAL A 165 2.00 -21.25 -4.00
C VAL A 165 1.17 -20.02 -3.63
N PRO A 166 1.66 -19.15 -2.75
CA PRO A 166 0.84 -18.03 -2.31
C PRO A 166 0.82 -16.96 -3.38
N LEU A 167 -0.36 -16.37 -3.60
CA LEU A 167 -0.48 -15.23 -4.50
C LEU A 167 -0.63 -13.92 -3.74
N ILE A 168 -1.65 -13.81 -2.87
CA ILE A 168 -1.83 -12.65 -2.01
C ILE A 168 -2.22 -13.10 -0.61
N ILE A 169 -1.63 -12.47 0.40
CA ILE A 169 -2.02 -12.70 1.79
C ILE A 169 -2.18 -11.33 2.47
N ALA A 170 -3.37 -11.07 2.98
CA ALA A 170 -3.69 -9.80 3.62
C ALA A 170 -3.89 -10.09 5.10
N ALA A 171 -3.01 -9.50 5.92
CA ALA A 171 -2.92 -9.89 7.33
C ALA A 171 -4.15 -9.52 8.15
N GLY A 172 -4.35 -10.31 9.22
CA GLY A 172 -5.31 -9.98 10.25
C GLY A 172 -4.76 -9.11 11.37
N GLY A 173 -5.69 -8.39 12.04
CA GLY A 173 -5.31 -7.53 13.13
C GLY A 173 -5.06 -8.30 14.42
N GLY A 174 -4.15 -7.80 15.26
CA GLY A 174 -3.94 -8.41 16.56
C GLY A 174 -5.07 -8.04 17.52
N GLY A 175 -5.34 -8.91 18.48
CA GLY A 175 -6.34 -8.59 19.52
C GLY A 175 -5.87 -7.56 20.54
N ARG A 176 -6.81 -6.76 21.06
CA ARG A 176 -6.46 -5.79 22.09
C ARG A 176 -6.34 -6.47 23.45
N ALA A 177 -5.35 -6.05 24.24
CA ALA A 177 -5.21 -6.57 25.60
C ALA A 177 -6.38 -6.09 26.45
N TYR A 178 -6.63 -6.84 27.54
CA TYR A 178 -7.72 -6.52 28.45
C TYR A 178 -7.72 -5.03 28.79
N GLY A 179 -6.55 -4.50 29.12
CA GLY A 179 -6.43 -3.18 29.68
C GLY A 179 -5.71 -2.24 28.74
N ALA A 180 -5.77 -2.53 27.45
CA ALA A 180 -5.22 -1.65 26.43
C ALA A 180 -5.87 -0.28 26.56
N LYS A 181 -5.03 0.76 26.69
CA LYS A 181 -5.49 2.13 26.83
C LYS A 181 -4.94 3.11 25.81
N THR A 182 -3.85 2.80 25.11
CA THR A 182 -3.31 3.66 24.06
C THR A 182 -3.02 2.85 22.81
N ASP A 183 -2.96 3.51 21.66
CA ASP A 183 -2.49 2.88 20.43
C ASP A 183 -0.99 3.07 20.34
N THR A 184 -0.32 2.07 19.77
CA THR A 184 1.13 2.07 19.70
C THR A 184 1.69 2.39 18.32
N PHE A 185 0.86 2.40 17.27
CA PHE A 185 1.26 2.83 15.93
C PHE A 185 2.43 2.05 15.33
N HIS A 186 2.44 0.72 15.48
CA HIS A 186 3.50 -0.10 14.89
C HIS A 186 3.33 -0.18 13.38
N PRO A 187 4.39 -0.06 12.62
CA PRO A 187 4.22 -0.04 11.16
C PRO A 187 3.79 -1.41 10.66
N GLU A 188 3.04 -1.39 9.54
CA GLU A 188 2.61 -2.60 8.88
C GLU A 188 3.69 -3.17 7.97
N ARG A 189 3.77 -4.50 7.91
CA ARG A 189 4.79 -5.17 7.12
C ARG A 189 4.17 -5.91 5.94
N LEU A 190 4.83 -5.83 4.77
CA LEU A 190 4.39 -6.49 3.56
C LEU A 190 5.61 -7.16 2.97
N GLU A 191 5.53 -8.48 2.78
CA GLU A 191 6.63 -9.28 2.26
C GLU A 191 6.39 -9.65 0.80
N ASN A 192 7.48 -9.78 0.03
CA ASN A 192 7.31 -10.19 -1.36
C ASN A 192 8.33 -11.25 -1.79
N ASN A 193 9.07 -11.84 -0.86
CA ASN A 193 10.16 -12.75 -1.16
C ASN A 193 9.77 -14.09 -0.58
N SER A 194 9.44 -15.04 -1.45
CA SER A 194 9.02 -16.36 -1.01
C SER A 194 10.12 -17.15 -0.31
N SER A 195 11.36 -16.66 -0.29
CA SER A 195 12.40 -17.31 0.49
C SER A 195 12.40 -16.90 1.96
N VAL A 196 11.68 -15.83 2.32
CA VAL A 196 11.47 -15.53 3.74
C VAL A 196 10.54 -16.59 4.30
N LEU A 197 10.90 -17.14 5.48
CA LEU A 197 10.14 -18.21 6.13
C LEU A 197 8.76 -17.69 6.58
N GLY A 198 7.68 -18.28 6.07
CA GLY A 198 6.33 -17.85 6.43
C GLY A 198 5.78 -18.56 7.65
N LEU A 199 6.25 -18.18 8.83
CA LEU A 199 6.07 -18.96 10.06
C LEU A 199 5.05 -18.31 11.00
N ASN A 200 4.64 -19.06 12.02
CA ASN A 200 3.75 -18.52 13.04
C ASN A 200 4.47 -17.47 13.87
N GLY A 201 3.68 -16.54 14.46
CA GLY A 201 4.24 -15.61 15.43
C GLY A 201 4.48 -16.26 16.81
N ASN A 202 5.22 -15.52 17.67
CA ASN A 202 5.49 -16.01 19.01
C ASN A 202 4.20 -16.22 19.79
N SER A 203 4.12 -17.33 20.51
CA SER A 203 3.05 -17.52 21.50
C SER A 203 3.66 -17.40 22.89
N GLY A 204 2.94 -16.74 23.79
CA GLY A 204 3.35 -16.66 25.17
C GLY A 204 2.19 -17.12 26.03
N ALA A 205 1.54 -16.18 26.74
CA ALA A 205 0.27 -16.52 27.36
C ALA A 205 -0.88 -16.49 26.35
N ALA A 206 -0.97 -15.42 25.57
CA ALA A 206 -1.82 -15.42 24.38
C ALA A 206 -1.11 -16.10 23.21
N GLY A 207 -1.89 -16.44 22.18
CA GLY A 207 -1.36 -17.18 21.06
C GLY A 207 -0.88 -16.21 20.00
N GLY A 208 0.25 -16.55 19.37
CA GLY A 208 0.71 -15.83 18.21
C GLY A 208 -0.18 -16.13 17.00
N GLY A 209 -0.14 -15.29 15.99
CA GLY A 209 -0.90 -15.59 14.77
C GLY A 209 -0.24 -16.70 13.95
N GLY A 210 -1.06 -17.42 13.19
CA GLY A 210 -0.56 -18.42 12.26
C GLY A 210 0.03 -17.79 11.01
N GLY A 211 1.08 -18.41 10.50
CA GLY A 211 1.72 -18.01 9.23
C GLY A 211 1.20 -18.81 8.05
N TRP A 212 2.01 -18.84 7.00
CA TRP A 212 1.73 -19.59 5.78
C TRP A 212 2.00 -21.08 5.90
N ASN A 213 3.11 -21.49 6.53
CA ASN A 213 3.51 -22.91 6.51
C ASN A 213 4.34 -23.15 7.77
N ASP A 214 3.73 -23.73 8.81
CA ASP A 214 4.44 -24.00 10.04
C ASP A 214 3.85 -25.26 10.65
N ASN A 215 4.41 -25.65 11.77
CA ASN A 215 3.91 -26.77 12.54
C ASN A 215 3.42 -26.20 13.85
N THR A 216 2.12 -26.30 14.11
CA THR A 216 1.53 -25.68 15.28
C THR A 216 1.22 -26.78 16.29
N SER A 217 1.66 -26.59 17.51
CA SER A 217 1.44 -27.55 18.59
CA SER A 217 1.38 -27.56 18.56
C SER A 217 0.56 -27.02 19.70
N LEU A 218 0.61 -25.71 19.99
CA LEU A 218 -0.07 -25.14 21.15
C LEU A 218 -1.54 -24.87 20.87
N LEU A 219 -2.38 -25.15 21.86
CA LEU A 219 -3.81 -24.93 21.70
C LEU A 219 -4.14 -23.47 21.42
N TRP A 220 -3.40 -22.51 22.00
CA TRP A 220 -3.77 -21.10 21.85
C TRP A 220 -3.14 -20.45 20.63
N ALA A 221 -2.19 -21.11 19.97
CA ALA A 221 -1.57 -20.54 18.78
C ALA A 221 -2.54 -20.62 17.60
N GLY A 222 -2.57 -19.58 16.75
CA GLY A 222 -3.30 -19.74 15.50
C GLY A 222 -2.56 -20.72 14.58
N LYS A 223 -3.31 -21.56 13.88
CA LYS A 223 -2.66 -22.55 13.01
C LYS A 223 -2.24 -21.87 11.69
N SER A 224 -1.20 -22.41 11.05
CA SER A 224 -0.75 -21.89 9.77
C SER A 224 -1.69 -22.31 8.62
N LEU A 225 -1.57 -21.62 7.49
CA LEU A 225 -2.50 -21.88 6.39
C LEU A 225 -2.44 -23.34 5.94
N GLN A 226 -1.23 -23.87 5.78
CA GLN A 226 -1.14 -25.24 5.27
C GLN A 226 -1.53 -26.29 6.26
N GLU A 227 -1.83 -25.92 7.51
CA GLU A 227 -2.43 -26.81 8.48
C GLU A 227 -3.94 -26.62 8.62
N GLY A 228 -4.56 -25.68 7.89
CA GLY A 228 -5.99 -25.44 7.98
C GLY A 228 -6.41 -24.16 8.69
N ALA A 229 -5.45 -23.38 9.26
CA ALA A 229 -5.70 -21.99 9.62
C ALA A 229 -6.72 -21.81 10.76
N THR A 230 -6.99 -22.85 11.52
CA THR A 230 -7.94 -22.71 12.61
C THR A 230 -7.47 -21.65 13.63
N GLY A 231 -8.41 -20.85 14.10
CA GLY A 231 -8.10 -19.90 15.19
C GLY A 231 -7.69 -20.57 16.48
N GLY A 232 -6.85 -19.87 17.25
CA GLY A 232 -6.35 -20.41 18.51
C GLY A 232 -7.42 -20.43 19.61
N HIS A 233 -7.22 -21.37 20.53
CA HIS A 233 -7.95 -21.36 21.79
C HIS A 233 -7.40 -20.27 22.74
N SER A 234 -8.03 -20.08 23.91
CA SER A 234 -7.45 -19.20 24.94
C SER A 234 -6.50 -19.94 25.87
N CYS A 235 -5.80 -19.18 26.72
CA CYS A 235 -4.83 -19.78 27.66
C CYS A 235 -5.54 -20.64 28.71
N PRO A 236 -4.86 -21.67 29.24
CA PRO A 236 -5.49 -22.55 30.23
C PRO A 236 -6.10 -21.82 31.41
N GLN A 237 -5.44 -20.82 31.96
CA GLN A 237 -5.94 -20.25 33.20
C GLN A 237 -7.25 -19.50 33.00
N ALA A 238 -7.39 -18.78 31.86
CA ALA A 238 -8.66 -18.11 31.57
C ALA A 238 -9.80 -19.11 31.52
N MET A 239 -9.52 -20.30 30.96
CA MET A 239 -10.56 -21.32 30.88
C MET A 239 -10.86 -21.88 32.28
N LYS A 240 -9.81 -22.23 33.05
CA LYS A 240 -10.04 -22.88 34.36
C LYS A 240 -10.72 -21.94 35.35
N LYS A 241 -10.35 -20.67 35.34
CA LYS A 241 -10.85 -19.78 36.39
C LYS A 241 -12.32 -19.48 36.21
N TRP A 242 -12.73 -19.18 34.97
CA TRP A 242 -14.10 -18.69 34.74
C TRP A 242 -14.55 -18.92 33.30
N GLY A 243 -13.87 -19.77 32.55
CA GLY A 243 -14.27 -20.03 31.17
C GLY A 243 -14.28 -18.84 30.24
N TRP A 244 -13.32 -17.94 30.38
CA TRP A 244 -13.29 -16.76 29.54
C TRP A 244 -12.47 -17.05 28.31
N GLU A 245 -13.11 -17.51 27.26
CA GLU A 245 -12.40 -17.92 26.09
C GLU A 245 -12.63 -16.87 25.01
N THR A 246 -11.56 -16.41 24.42
CA THR A 246 -11.56 -15.39 23.34
CA THR A 246 -11.66 -15.46 23.34
C THR A 246 -10.77 -15.98 22.20
N ARG A 247 -11.42 -16.64 21.24
CA ARG A 247 -10.70 -17.40 20.22
C ARG A 247 -10.19 -16.45 19.15
N GLY A 248 -9.11 -16.89 18.49
CA GLY A 248 -8.70 -16.24 17.27
C GLY A 248 -9.65 -16.59 16.12
N GLY A 249 -9.62 -15.77 15.10
CA GLY A 249 -10.44 -15.99 13.90
C GLY A 249 -9.79 -16.97 12.91
N PHE A 250 -10.66 -17.71 12.20
CA PHE A 250 -10.21 -18.52 11.08
C PHE A 250 -9.33 -17.68 10.15
N GLY A 251 -8.25 -18.29 9.68
CA GLY A 251 -7.18 -17.56 9.03
C GLY A 251 -5.99 -17.32 9.92
N GLY A 252 -5.89 -18.05 11.04
CA GLY A 252 -4.69 -18.00 11.83
C GLY A 252 -4.70 -17.08 13.03
N GLY A 253 -5.83 -16.52 13.45
CA GLY A 253 -5.75 -15.62 14.60
C GLY A 253 -5.38 -16.39 15.88
N GLY A 254 -4.52 -15.79 16.71
CA GLY A 254 -4.16 -16.40 17.99
C GLY A 254 -5.24 -16.13 19.04
N GLY A 255 -5.39 -17.06 19.98
CA GLY A 255 -6.32 -16.83 21.06
C GLY A 255 -5.81 -15.80 22.05
N GLY A 256 -6.76 -15.16 22.74
CA GLY A 256 -6.43 -14.19 23.77
C GLY A 256 -6.15 -14.84 25.12
N CYS A 257 -5.40 -14.12 25.96
CA CYS A 257 -5.36 -14.41 27.40
C CYS A 257 -5.84 -13.14 28.11
N SER A 258 -5.02 -12.55 29.00
CA SER A 258 -5.25 -11.14 29.34
C SER A 258 -4.57 -10.21 28.35
N SER A 259 -3.40 -10.62 27.82
CA SER A 259 -2.82 -10.05 26.63
C SER A 259 -3.64 -10.47 25.38
N GLY A 260 -3.40 -9.77 24.28
CA GLY A 260 -4.13 -10.00 23.04
C GLY A 260 -3.45 -11.04 22.15
N GLY A 261 -4.27 -11.76 21.36
CA GLY A 261 -3.70 -12.73 20.40
C GLY A 261 -3.14 -12.06 19.14
N GLY A 262 -2.15 -12.70 18.52
CA GLY A 262 -1.60 -12.18 17.26
C GLY A 262 -2.50 -12.40 16.05
N GLY A 263 -2.37 -11.51 15.06
CA GLY A 263 -3.12 -11.69 13.81
C GLY A 263 -2.46 -12.67 12.86
N GLY A 264 -3.30 -13.32 12.05
CA GLY A 264 -2.78 -14.23 11.02
C GLY A 264 -2.03 -13.50 9.93
N GLY A 265 -1.24 -14.25 9.17
CA GLY A 265 -0.57 -13.66 8.00
C GLY A 265 0.30 -14.66 7.25
N TYR A 266 1.14 -14.14 6.37
CA TYR A 266 2.24 -14.95 5.83
C TYR A 266 3.22 -15.32 6.95
N ILE A 267 3.58 -14.34 7.78
CA ILE A 267 4.17 -14.52 9.10
C ILE A 267 3.13 -14.04 10.10
N GLY A 268 2.85 -14.84 11.09
CA GLY A 268 1.87 -14.43 12.08
C GLY A 268 2.40 -13.36 13.05
N GLY A 269 1.47 -12.59 13.59
CA GLY A 269 1.85 -11.56 14.58
C GLY A 269 2.28 -12.17 15.91
N ASN A 270 3.29 -11.55 16.53
CA ASN A 270 3.72 -12.02 17.84
C ASN A 270 2.75 -11.65 18.96
N ALA A 271 2.52 -12.57 19.88
CA ALA A 271 1.95 -12.26 21.19
C ALA A 271 3.09 -12.07 22.20
N ALA A 272 2.76 -11.41 23.31
CA ALA A 272 3.76 -11.10 24.36
C ALA A 272 4.24 -12.38 25.02
N SER A 273 5.45 -12.34 25.65
CA SER A 273 5.96 -13.52 26.33
C SER A 273 5.16 -13.90 27.57
N ASN A 274 4.55 -12.90 28.24
CA ASN A 274 3.84 -13.11 29.49
C ASN A 274 2.43 -12.58 29.37
N ASN A 275 1.67 -12.72 30.45
CA ASN A 275 0.25 -12.32 30.44
C ASN A 275 0.05 -10.89 30.94
N ASP A 276 0.73 -9.98 30.27
CA ASP A 276 0.65 -8.57 30.60
C ASP A 276 -0.65 -7.99 30.07
N PRO A 277 -1.55 -7.48 30.93
CA PRO A 277 -2.87 -7.03 30.49
C PRO A 277 -2.85 -5.74 29.68
N GLU A 278 -1.68 -5.15 29.41
CA GLU A 278 -1.58 -4.00 28.51
C GLU A 278 -0.96 -4.34 27.16
N MET A 279 -0.62 -5.60 26.91
CA MET A 279 0.09 -5.97 25.68
C MET A 279 -0.87 -6.50 24.61
N ASP A 280 -1.09 -5.69 23.58
CA ASP A 280 -1.88 -6.15 22.43
C ASP A 280 -1.08 -7.21 21.64
N GLY A 281 -1.80 -8.05 20.89
CA GLY A 281 -1.12 -8.86 19.89
C GLY A 281 -0.72 -8.02 18.70
N GLU A 282 0.37 -8.41 18.03
CA GLU A 282 0.75 -7.73 16.80
C GLU A 282 -0.11 -8.19 15.62
N ASP A 283 -0.29 -7.29 14.65
CA ASP A 283 -0.88 -7.67 13.39
C ASP A 283 0.04 -8.65 12.66
N GLY A 284 -0.53 -9.45 11.77
CA GLY A 284 0.23 -10.32 10.92
C GLY A 284 1.00 -9.55 9.83
N VAL A 285 1.83 -10.29 9.12
CA VAL A 285 2.61 -9.78 7.97
C VAL A 285 1.89 -10.20 6.69
N SER A 286 1.68 -9.24 5.75
CA SER A 286 1.05 -9.52 4.47
C SER A 286 2.09 -9.96 3.43
N PHE A 287 1.60 -10.44 2.28
CA PHE A 287 2.48 -10.99 1.25
C PHE A 287 1.89 -10.76 -0.13
N ILE A 288 2.75 -10.38 -1.09
CA ILE A 288 2.43 -10.37 -2.53
C ILE A 288 3.44 -11.23 -3.30
N SER A 289 2.94 -12.13 -4.15
CA SER A 289 3.82 -13.00 -4.92
C SER A 289 4.56 -12.19 -5.98
N PRO A 290 5.85 -12.46 -6.20
CA PRO A 290 6.53 -11.82 -7.34
C PRO A 290 5.93 -12.21 -8.67
N LEU A 291 5.12 -13.28 -8.72
CA LEU A 291 4.39 -13.62 -9.91
C LEU A 291 3.40 -12.55 -10.30
N GLY A 292 3.00 -11.70 -9.35
CA GLY A 292 1.97 -10.72 -9.59
C GLY A 292 2.55 -9.32 -9.52
N ILE A 293 1.76 -8.39 -10.00
CA ILE A 293 2.10 -6.97 -9.98
CA ILE A 293 2.10 -6.97 -9.98
C ILE A 293 1.37 -6.33 -8.81
N LEU A 294 2.14 -5.73 -7.90
CA LEU A 294 1.53 -5.12 -6.72
C LEU A 294 0.96 -3.79 -7.11
N TYR A 295 -0.26 -3.53 -6.66
CA TYR A 295 -0.96 -2.31 -7.02
C TYR A 295 -1.22 -1.41 -5.83
N THR A 296 -1.16 -1.93 -4.60
CA THR A 296 -1.36 -1.11 -3.42
C THR A 296 -0.40 -1.55 -2.33
N PRO A 297 -0.06 -0.66 -1.42
CA PRO A 297 0.56 -1.10 -0.17
C PRO A 297 -0.51 -1.87 0.61
N ALA A 298 -0.19 -2.36 1.81
CA ALA A 298 -1.18 -3.05 2.62
C ALA A 298 -1.90 -2.04 3.50
N LEU A 299 -3.17 -1.76 3.22
CA LEU A 299 -3.90 -0.63 3.80
C LEU A 299 -4.96 -1.12 4.78
N LYS A 300 -5.10 -0.42 5.91
CA LYS A 300 -6.16 -0.78 6.86
C LYS A 300 -7.57 -0.60 6.29
N VAL A 301 -8.46 -1.55 6.62
CA VAL A 301 -9.82 -1.52 6.11
C VAL A 301 -10.78 -1.70 7.29
N MET A 302 -11.96 -1.08 7.19
CA MET A 302 -12.81 -0.95 8.37
C MET A 302 -13.42 -2.27 8.82
N GLU A 303 -13.92 -3.08 7.89
CA GLU A 303 -14.88 -4.11 8.29
C GLU A 303 -14.26 -5.23 9.16
N GLY A 304 -15.10 -5.82 10.01
CA GLY A 304 -14.75 -6.90 10.90
C GLY A 304 -14.17 -8.14 10.22
N HIS A 305 -14.94 -8.89 9.43
CA HIS A 305 -14.40 -10.04 8.70
C HIS A 305 -13.67 -9.60 7.42
N GLY A 306 -12.88 -10.51 6.87
CA GLY A 306 -12.15 -10.24 5.63
C GLY A 306 -13.05 -10.38 4.41
N GLU A 307 -12.43 -10.26 3.23
CA GLU A 307 -13.11 -10.54 1.97
C GLU A 307 -12.07 -10.60 0.85
N VAL A 308 -12.45 -11.19 -0.30
CA VAL A 308 -11.61 -11.25 -1.50
C VAL A 308 -12.42 -10.73 -2.68
N ASN A 309 -11.83 -9.84 -3.47
CA ASN A 309 -12.48 -9.38 -4.71
C ASN A 309 -11.61 -9.72 -5.92
N ILE A 310 -12.18 -10.44 -6.89
CA ILE A 310 -11.48 -10.84 -8.12
C ILE A 310 -12.22 -10.21 -9.29
N LYS A 311 -11.47 -9.73 -10.26
CA LYS A 311 -12.05 -9.06 -11.42
C LYS A 311 -11.24 -9.37 -12.67
N HIS A 312 -11.91 -9.37 -13.82
CA HIS A 312 -11.21 -9.34 -15.10
C HIS A 312 -12.15 -8.70 -16.10
N TYR A 313 -11.61 -8.35 -17.26
CA TYR A 313 -12.30 -7.49 -18.21
C TYR A 313 -12.44 -8.24 -19.53
N LEU A 314 -13.64 -8.21 -20.09
CA LEU A 314 -13.88 -8.89 -21.36
C LEU A 314 -13.09 -8.21 -22.49
N THR B 9 -15.47 5.01 6.40
CA THR B 9 -15.50 4.61 5.00
C THR B 9 -15.32 5.82 4.07
N VAL B 10 -15.46 7.02 4.64
CA VAL B 10 -15.31 8.25 3.86
C VAL B 10 -13.82 8.49 3.61
N HIS B 11 -13.49 8.99 2.44
CA HIS B 11 -12.11 9.33 2.15
C HIS B 11 -12.13 10.34 1.03
N TRP B 12 -10.99 11.00 0.88
CA TRP B 12 -10.84 12.06 -0.09
C TRP B 12 -9.69 11.68 -0.97
N LEU B 13 -9.96 11.48 -2.27
CA LEU B 13 -8.97 11.02 -3.24
C LEU B 13 -8.67 12.15 -4.22
N PHE B 14 -7.44 12.65 -4.16
CA PHE B 14 -6.95 13.73 -5.03
C PHE B 14 -6.22 13.12 -6.21
N THR B 15 -6.52 13.61 -7.42
CA THR B 15 -5.90 13.11 -8.63
C THR B 15 -5.27 14.29 -9.38
N THR B 16 -4.75 14.03 -10.59
CA THR B 16 -4.26 15.15 -11.41
C THR B 16 -5.41 15.91 -12.11
N CYS B 17 -6.67 15.55 -11.78
CA CYS B 17 -7.82 16.21 -12.39
C CYS B 17 -7.84 16.12 -13.92
N GLY B 18 -7.25 15.05 -14.47
CA GLY B 18 -7.19 14.89 -15.90
C GLY B 18 -6.00 15.55 -16.57
N ALA B 19 -5.20 16.28 -15.80
CA ALA B 19 -4.05 16.97 -16.36
C ALA B 19 -2.90 15.97 -16.56
N SER B 20 -2.03 16.26 -17.52
CA SER B 20 -0.83 15.48 -17.76
C SER B 20 0.24 16.43 -18.23
N GLY B 21 1.47 15.91 -18.35
CA GLY B 21 2.56 16.72 -18.85
C GLY B 21 3.23 17.56 -17.76
N PRO B 22 3.95 18.61 -18.16
CA PRO B 22 4.72 19.39 -17.18
C PRO B 22 3.93 20.36 -16.33
N HIS B 23 2.67 20.65 -16.66
CA HIS B 23 1.89 21.69 -15.99
C HIS B 23 0.70 21.08 -15.27
N GLY B 24 0.42 21.58 -14.06
CA GLY B 24 -0.68 21.07 -13.27
C GLY B 24 -2.07 21.51 -13.76
N PRO B 25 -3.10 20.97 -13.10
CA PRO B 25 -4.48 21.23 -13.53
C PRO B 25 -4.95 22.64 -13.23
N THR B 26 -6.01 23.03 -13.95
CA THR B 26 -6.71 24.27 -13.68
C THR B 26 -7.86 24.01 -12.70
N GLN B 27 -8.39 25.11 -12.13
CA GLN B 27 -9.60 25.00 -11.32
C GLN B 27 -10.71 24.33 -12.09
N ALA B 28 -10.87 24.67 -13.37
CA ALA B 28 -11.96 24.07 -14.13
C ALA B 28 -11.76 22.59 -14.31
N GLN B 29 -10.50 22.14 -14.51
CA GLN B 29 -10.23 20.72 -14.64
C GLN B 29 -10.58 19.99 -13.34
N CYS B 30 -10.19 20.56 -12.19
CA CYS B 30 -10.53 19.87 -10.94
C CYS B 30 -12.03 19.91 -10.67
N ASN B 31 -12.68 21.03 -11.05
CA ASN B 31 -14.14 21.07 -10.85
C ASN B 31 -14.82 20.00 -11.69
N ASN B 32 -14.37 19.83 -12.93
CA ASN B 32 -14.91 18.75 -13.75
C ASN B 32 -14.57 17.37 -13.17
N ALA B 33 -13.31 17.15 -12.77
CA ALA B 33 -12.92 15.81 -12.30
C ALA B 33 -13.62 15.42 -11.00
N TYR B 34 -13.87 16.40 -10.12
CA TYR B 34 -14.39 16.15 -8.79
C TYR B 34 -15.90 16.31 -8.71
N GLN B 35 -16.54 16.56 -9.84
CA GLN B 35 -17.99 16.74 -9.79
C GLN B 35 -18.64 15.46 -9.29
N ASN B 36 -19.66 15.63 -8.46
CA ASN B 36 -20.35 14.50 -7.91
C ASN B 36 -19.51 13.69 -6.94
N SER B 37 -18.40 14.24 -6.45
CA SER B 37 -17.63 13.59 -5.40
C SER B 37 -17.80 14.40 -4.11
N ASN B 38 -17.19 13.93 -3.03
CA ASN B 38 -17.14 14.67 -1.76
C ASN B 38 -15.94 15.64 -1.67
N LEU B 39 -15.24 15.88 -2.77
CA LEU B 39 -14.02 16.67 -2.74
C LEU B 39 -14.26 18.02 -3.42
N SER B 40 -13.91 19.10 -2.72
CA SER B 40 -13.86 20.44 -3.26
C SER B 40 -12.49 21.00 -2.93
N VAL B 41 -11.81 21.57 -3.92
CA VAL B 41 -10.51 22.18 -3.72
C VAL B 41 -10.50 23.54 -4.42
N GLU B 42 -9.60 24.41 -3.95
CA GLU B 42 -9.22 25.63 -4.65
C GLU B 42 -7.89 25.39 -5.33
N VAL B 43 -7.80 25.67 -6.63
CA VAL B 43 -6.56 25.46 -7.37
C VAL B 43 -5.96 26.82 -7.66
N GLY B 44 -4.68 26.99 -7.32
CA GLY B 44 -4.01 28.23 -7.65
C GLY B 44 -3.95 28.46 -9.15
N SER B 45 -4.10 29.72 -9.57
CA SER B 45 -4.14 30.08 -10.98
C SER B 45 -2.85 30.72 -11.49
N GLU B 46 -1.95 31.12 -10.59
CA GLU B 46 -0.73 31.79 -10.97
C GLU B 46 0.24 31.66 -9.80
N GLY B 47 1.48 32.02 -10.05
CA GLY B 47 2.45 32.01 -8.99
C GLY B 47 2.90 30.60 -8.68
N PRO B 48 3.71 30.47 -7.62
CA PRO B 48 4.23 29.14 -7.30
C PRO B 48 3.16 28.17 -6.86
N LEU B 49 1.92 28.61 -6.61
CA LEU B 49 0.87 27.69 -6.20
C LEU B 49 0.01 27.21 -7.35
N LYS B 50 0.35 27.59 -8.59
CA LYS B 50 -0.45 27.21 -9.75
C LYS B 50 -0.51 25.69 -9.92
N GLY B 51 -1.72 25.14 -10.03
CA GLY B 51 -1.85 23.69 -10.17
C GLY B 51 -1.86 22.91 -8.85
N ILE B 52 -1.63 23.61 -7.72
CA ILE B 52 -1.65 22.99 -6.40
C ILE B 52 -3.05 23.10 -5.81
N GLN B 53 -3.56 21.98 -5.29
CA GLN B 53 -4.94 21.89 -4.79
C GLN B 53 -5.00 22.19 -3.30
N ILE B 54 -5.83 23.14 -2.91
CA ILE B 54 -5.92 23.56 -1.53
C ILE B 54 -7.22 23.04 -0.95
N TRP B 55 -7.12 22.34 0.19
CA TRP B 55 -8.24 21.61 0.75
C TRP B 55 -8.41 21.97 2.22
N LYS B 56 -9.64 22.25 2.65
CA LYS B 56 -9.88 22.57 4.06
C LYS B 56 -10.20 21.31 4.85
N VAL B 57 -9.52 21.13 5.97
CA VAL B 57 -9.69 19.96 6.83
C VAL B 57 -11.06 20.03 7.47
N PRO B 58 -11.91 19.01 7.35
CA PRO B 58 -13.32 19.13 7.79
C PRO B 58 -13.54 18.96 9.28
N ALA B 59 -12.59 18.39 10.01
CA ALA B 59 -12.85 18.03 11.40
C ALA B 59 -11.52 17.75 12.08
N THR B 60 -11.43 18.13 13.36
CA THR B 60 -10.21 17.83 14.11
C THR B 60 -10.16 16.33 14.37
N ASP B 61 -9.10 15.69 13.90
CA ASP B 61 -8.98 14.24 14.05
C ASP B 61 -7.56 13.84 13.68
N THR B 62 -7.24 12.58 13.96
CA THR B 62 -6.05 11.96 13.38
C THR B 62 -6.46 11.40 12.04
N TYR B 63 -5.62 11.64 11.01
CA TYR B 63 -5.91 11.20 9.65
C TYR B 63 -4.74 10.40 9.11
N SER B 64 -5.01 9.49 8.19
CA SER B 64 -3.95 8.91 7.38
C SER B 64 -3.87 9.67 6.06
N ILE B 65 -2.66 9.98 5.63
CA ILE B 65 -2.41 10.72 4.40
C ILE B 65 -1.47 9.82 3.59
N SER B 66 -1.94 9.30 2.45
CA SER B 66 -1.17 8.39 1.60
C SER B 66 -0.85 9.13 0.31
N GLY B 67 0.42 9.28 0.00
CA GLY B 67 0.83 9.94 -1.23
C GLY B 67 1.52 8.94 -2.14
N TYR B 68 1.31 9.09 -3.43
CA TYR B 68 1.95 8.26 -4.43
C TYR B 68 2.52 9.20 -5.48
N GLY B 69 3.83 9.09 -5.73
CA GLY B 69 4.45 9.90 -6.78
C GLY B 69 4.18 9.26 -8.19
N ALA B 70 4.48 10.00 -9.26
CA ALA B 70 4.17 9.54 -10.62
C ALA B 70 5.33 8.73 -11.19
N ALA B 71 5.01 7.82 -12.11
CA ALA B 71 6.02 7.06 -12.81
C ALA B 71 6.79 7.93 -13.81
N GLY B 72 8.01 7.48 -14.13
CA GLY B 72 8.78 8.15 -15.17
C GLY B 72 8.31 7.76 -16.59
N GLY B 73 8.85 8.47 -17.60
CA GLY B 73 8.53 8.17 -18.99
C GLY B 73 9.34 7.00 -19.53
N LYS B 74 8.87 6.42 -20.63
CA LYS B 74 9.62 5.40 -21.34
C LYS B 74 10.50 6.01 -22.42
N GLY B 75 11.47 5.22 -22.88
CA GLY B 75 12.46 5.59 -23.87
C GLY B 75 12.15 4.97 -25.21
N GLY B 76 13.19 4.53 -25.91
CA GLY B 76 13.05 4.00 -27.27
C GLY B 76 12.69 2.53 -27.41
N LYS B 77 12.46 1.81 -26.32
CA LYS B 77 12.04 0.41 -26.37
C LYS B 77 10.90 0.22 -25.37
N ASN B 78 9.68 0.00 -25.87
CA ASN B 78 8.53 -0.19 -24.98
C ASN B 78 8.62 -1.46 -24.14
N THR B 79 9.53 -2.37 -24.46
CA THR B 79 9.73 -3.54 -23.59
C THR B 79 10.32 -3.14 -22.23
N MET B 80 11.04 -2.03 -22.15
CA MET B 80 11.63 -1.57 -20.89
C MET B 80 10.56 -0.84 -20.08
N MET B 81 10.07 -1.48 -19.01
CA MET B 81 9.00 -0.92 -18.20
C MET B 81 9.43 0.43 -17.65
N ARG B 82 8.45 1.24 -17.28
CA ARG B 82 8.75 2.55 -16.68
C ARG B 82 9.08 2.40 -15.20
N SER B 83 9.88 3.34 -14.70
CA SER B 83 10.21 3.36 -13.29
C SER B 83 9.04 3.93 -12.49
N HIS B 84 8.47 3.13 -11.58
CA HIS B 84 7.23 3.50 -10.93
C HIS B 84 7.47 4.55 -9.84
N GLY B 85 6.45 5.32 -9.57
CA GLY B 85 6.52 6.28 -8.46
C GLY B 85 6.48 5.59 -7.10
N VAL B 86 6.89 6.32 -6.07
CA VAL B 86 6.98 5.79 -4.70
C VAL B 86 5.73 6.14 -3.89
N SER B 87 5.27 5.20 -3.07
CA SER B 87 4.18 5.47 -2.12
C SER B 87 4.76 5.75 -0.73
N VAL B 88 4.17 6.70 -0.01
CA VAL B 88 4.55 7.13 1.34
C VAL B 88 3.26 7.36 2.12
N LEU B 89 3.09 6.62 3.22
CA LEU B 89 1.83 6.64 3.97
C LEU B 89 2.14 7.09 5.39
N GLY B 90 1.48 8.16 5.84
CA GLY B 90 1.73 8.71 7.16
C GLY B 90 0.45 8.97 7.93
N ILE B 91 0.62 9.16 9.24
CA ILE B 91 -0.48 9.44 10.17
C ILE B 91 -0.19 10.80 10.82
N PHE B 92 -1.18 11.67 10.80
CA PHE B 92 -1.04 13.07 11.20
C PHE B 92 -2.27 13.54 11.96
N ASN B 93 -2.06 14.40 12.95
CA ASN B 93 -3.18 15.06 13.64
C ASN B 93 -3.44 16.40 12.96
N LEU B 94 -4.66 16.59 12.47
CA LEU B 94 -5.07 17.81 11.83
C LEU B 94 -6.23 18.47 12.57
N GLU B 95 -6.30 19.79 12.47
CA GLU B 95 -7.36 20.54 13.12
C GLU B 95 -8.39 21.01 12.11
N LYS B 96 -9.66 21.05 12.54
CA LYS B 96 -10.70 21.60 11.69
C LYS B 96 -10.30 22.98 11.19
N ASP B 97 -10.56 23.20 9.91
CA ASP B 97 -10.26 24.42 9.16
C ASP B 97 -8.77 24.60 8.79
N ASP B 98 -7.87 23.71 9.23
CA ASP B 98 -6.50 23.73 8.69
C ASP B 98 -6.58 23.65 7.16
N MET B 99 -5.61 24.24 6.48
CA MET B 99 -5.55 24.17 5.02
CA MET B 99 -5.55 24.17 5.02
C MET B 99 -4.37 23.28 4.63
N LEU B 100 -4.64 22.24 3.86
CA LEU B 100 -3.58 21.42 3.28
C LEU B 100 -3.40 21.78 1.81
N TYR B 101 -2.16 21.69 1.33
CA TYR B 101 -1.84 22.00 -0.04
C TYR B 101 -1.33 20.71 -0.67
N ILE B 102 -1.92 20.33 -1.79
CA ILE B 102 -1.71 19.00 -2.38
C ILE B 102 -1.31 19.16 -3.84
N LEU B 103 -0.08 18.71 -4.17
CA LEU B 103 0.35 18.65 -5.55
C LEU B 103 0.41 17.18 -5.95
N VAL B 104 -0.43 16.77 -6.89
CA VAL B 104 -0.43 15.39 -7.36
C VAL B 104 0.55 15.28 -8.54
N GLY B 105 1.60 14.48 -8.37
CA GLY B 105 2.60 14.34 -9.43
C GLY B 105 2.04 13.76 -10.73
N GLN B 106 2.60 14.22 -11.86
CA GLN B 106 2.20 13.75 -13.19
C GLN B 106 3.30 12.94 -13.86
N GLN B 107 2.88 11.95 -14.67
CA GLN B 107 3.82 11.00 -15.27
C GLN B 107 4.81 11.71 -16.18
N GLY B 108 6.06 11.25 -16.17
CA GLY B 108 7.02 11.80 -17.12
C GLY B 108 6.61 11.44 -18.54
N GLU B 109 6.92 12.30 -19.50
CA GLU B 109 6.51 11.99 -20.86
C GLU B 109 7.31 10.84 -21.48
N ASP B 110 6.61 10.01 -22.27
CA ASP B 110 7.25 8.95 -23.06
C ASP B 110 7.82 9.50 -24.35
N ALA B 111 8.98 8.97 -24.72
CA ALA B 111 9.61 9.37 -25.96
C ALA B 111 8.80 8.93 -27.17
N CYS B 112 8.18 7.75 -27.07
CA CYS B 112 7.50 7.07 -28.15
C CYS B 112 6.11 6.67 -27.67
N PRO B 113 5.15 6.57 -28.59
CA PRO B 113 5.33 6.78 -30.03
C PRO B 113 5.32 8.25 -30.30
N SER B 114 5.47 8.61 -31.56
CA SER B 114 5.56 9.99 -31.97
C SER B 114 4.63 10.21 -33.16
N THR B 115 4.13 11.43 -33.26
CA THR B 115 3.37 11.86 -34.41
C THR B 115 4.28 12.14 -35.60
N ASN B 116 5.53 12.54 -35.35
CA ASN B 116 6.49 12.84 -36.40
C ASN B 116 6.93 11.57 -37.09
N GLN B 117 6.83 11.53 -38.43
CA GLN B 117 7.09 10.28 -39.13
CA GLN B 117 7.10 10.31 -39.17
C GLN B 117 8.54 9.83 -38.99
N LEU B 118 9.49 10.77 -39.01
CA LEU B 118 10.89 10.41 -38.82
C LEU B 118 11.15 9.85 -37.42
N ILE B 119 10.69 10.56 -36.39
CA ILE B 119 10.85 10.06 -35.03
C ILE B 119 10.15 8.71 -34.87
N GLN B 120 8.95 8.57 -35.45
CA GLN B 120 8.23 7.29 -35.31
C GLN B 120 8.96 6.13 -35.96
N LYS B 121 9.69 6.37 -37.07
CA LYS B 121 10.53 5.32 -37.63
C LYS B 121 11.69 4.97 -36.73
N VAL B 122 12.26 5.95 -36.00
CA VAL B 122 13.22 5.60 -34.97
C VAL B 122 12.55 4.74 -33.92
N CYS B 123 11.37 5.15 -33.48
CA CYS B 123 10.68 4.44 -32.41
C CYS B 123 10.40 2.98 -32.76
N ILE B 124 10.04 2.70 -34.02
CA ILE B 124 9.69 1.34 -34.43
C ILE B 124 10.90 0.53 -34.85
N GLY B 125 12.08 1.14 -34.93
CA GLY B 125 13.29 0.43 -35.31
C GLY B 125 13.58 0.39 -36.80
N GLU B 126 12.95 1.25 -37.60
CA GLU B 126 13.19 1.29 -39.04
C GLU B 126 14.15 2.40 -39.45
N ASN B 127 14.57 3.24 -38.51
CA ASN B 127 15.56 4.28 -38.77
C ASN B 127 16.64 4.19 -37.71
N ASN B 128 17.87 3.89 -38.13
CA ASN B 128 18.98 3.66 -37.21
C ASN B 128 19.92 4.86 -37.09
N VAL B 129 19.43 6.08 -37.34
CA VAL B 129 20.31 7.24 -37.31
C VAL B 129 20.98 7.40 -35.94
N ILE B 130 20.27 7.07 -34.85
CA ILE B 130 20.90 7.21 -33.52
C ILE B 130 21.95 6.12 -33.33
N GLU B 131 21.61 4.89 -33.70
CA GLU B 131 22.56 3.78 -33.58
C GLU B 131 23.84 4.02 -34.38
N GLU B 132 23.71 4.62 -35.57
CA GLU B 132 24.89 4.94 -36.36
C GLU B 132 25.73 6.02 -35.68
N GLU B 133 25.08 7.04 -35.10
CA GLU B 133 25.85 8.05 -34.36
C GLU B 133 26.58 7.43 -33.19
N ILE B 134 25.95 6.48 -32.49
CA ILE B 134 26.58 5.87 -31.33
C ILE B 134 27.82 5.09 -31.75
N ARG B 135 27.75 4.42 -32.90
CA ARG B 135 28.89 3.68 -33.42
C ARG B 135 29.97 4.64 -33.92
N VAL B 136 29.61 5.51 -34.87
CA VAL B 136 30.56 6.41 -35.51
C VAL B 136 31.20 7.35 -34.50
N ASN B 137 30.41 7.85 -33.55
CA ASN B 137 30.80 8.96 -32.69
C ASN B 137 30.95 8.59 -31.22
N ARG B 138 30.55 7.38 -30.82
CA ARG B 138 30.67 6.89 -29.45
C ARG B 138 29.84 7.68 -28.44
N SER B 139 28.97 8.60 -28.89
CA SER B 139 28.19 9.45 -28.01
C SER B 139 27.11 10.13 -28.84
N VAL B 140 26.05 10.63 -28.19
CA VAL B 140 25.00 11.29 -28.96
C VAL B 140 25.07 12.80 -28.80
N HIS B 141 25.45 13.48 -29.87
CA HIS B 141 25.47 14.92 -29.88
C HIS B 141 24.51 15.52 -30.87
N GLU B 142 24.29 14.86 -32.01
CA GLU B 142 23.48 15.45 -33.06
C GLU B 142 22.03 15.01 -32.95
N TRP B 143 21.82 13.71 -32.96
CA TRP B 143 20.49 13.13 -32.97
C TRP B 143 19.97 12.88 -31.55
N ALA B 144 19.98 13.93 -30.73
CA ALA B 144 19.62 13.78 -29.33
C ALA B 144 18.12 13.61 -29.15
N GLY B 145 17.73 12.88 -28.12
CA GLY B 145 16.33 12.59 -27.82
C GLY B 145 16.10 11.11 -27.60
N GLY B 146 14.86 10.81 -27.22
CA GLY B 146 14.48 9.44 -27.05
C GLY B 146 14.44 8.97 -25.62
N GLY B 147 14.99 9.77 -24.69
CA GLY B 147 14.91 9.48 -23.26
C GLY B 147 13.59 9.99 -22.66
N GLY B 148 13.02 9.23 -21.73
CA GLY B 148 11.80 9.66 -21.07
C GLY B 148 12.03 10.77 -20.04
N GLY B 149 11.00 11.57 -19.84
CA GLY B 149 11.02 12.55 -18.78
C GLY B 149 10.86 11.89 -17.42
N GLY B 150 11.34 12.60 -16.39
CA GLY B 150 11.10 12.17 -15.03
C GLY B 150 9.66 12.39 -14.57
N GLY B 151 9.17 11.48 -13.71
CA GLY B 151 7.86 11.68 -13.10
C GLY B 151 7.89 12.71 -11.99
N GLY B 152 6.79 13.45 -11.86
CA GLY B 152 6.66 14.36 -10.76
C GLY B 152 6.45 13.63 -9.44
N ALA B 153 6.98 14.23 -8.38
CA ALA B 153 6.63 13.81 -7.03
C ALA B 153 5.25 14.35 -6.63
N THR B 154 4.68 13.72 -5.60
CA THR B 154 3.45 14.20 -5.01
C THR B 154 3.78 14.83 -3.66
N TYR B 155 3.26 16.03 -3.41
CA TYR B 155 3.62 16.82 -2.25
C TYR B 155 2.37 17.15 -1.45
N VAL B 156 2.38 16.90 -0.14
CA VAL B 156 1.33 17.37 0.76
C VAL B 156 2.00 18.27 1.81
N PHE B 157 1.54 19.51 1.94
CA PHE B 157 2.20 20.45 2.84
C PHE B 157 1.18 21.39 3.47
N LYS B 158 1.64 22.14 4.45
CA LYS B 158 0.83 23.18 5.09
C LYS B 158 1.64 24.46 5.13
N MET B 159 0.99 25.57 5.51
CA MET B 159 1.64 26.87 5.72
C MET B 159 1.65 27.15 7.22
N LYS B 160 2.79 27.59 7.73
CA LYS B 160 2.89 27.94 9.15
C LYS B 160 3.60 29.27 9.22
N ASP B 161 2.90 30.31 9.67
CA ASP B 161 3.44 31.66 9.70
C ASP B 161 3.89 32.10 8.30
N GLY B 162 3.14 31.68 7.27
CA GLY B 162 3.46 32.03 5.91
C GLY B 162 4.56 31.21 5.24
N VAL B 163 5.10 30.22 5.91
CA VAL B 163 6.24 29.41 5.43
C VAL B 163 5.69 28.02 5.11
N PRO B 164 6.03 27.43 3.95
CA PRO B 164 5.55 26.07 3.67
C PRO B 164 6.29 25.06 4.55
N VAL B 165 5.54 24.08 5.05
CA VAL B 165 6.06 23.05 5.94
C VAL B 165 5.67 21.71 5.32
N PRO B 166 6.62 20.85 4.92
CA PRO B 166 6.26 19.62 4.21
C PRO B 166 5.75 18.58 5.19
N LEU B 167 4.72 17.84 4.77
CA LEU B 167 4.20 16.75 5.57
C LEU B 167 4.54 15.39 4.97
N ILE B 168 4.21 15.18 3.71
CA ILE B 168 4.50 13.96 2.97
C ILE B 168 4.95 14.36 1.56
N ILE B 169 6.07 13.79 1.12
CA ILE B 169 6.51 13.91 -0.26
C ILE B 169 6.82 12.53 -0.81
N ALA B 170 6.12 12.10 -1.87
CA ALA B 170 6.26 10.77 -2.41
C ALA B 170 6.89 10.88 -3.78
N ALA B 171 8.10 10.33 -3.92
CA ALA B 171 8.98 10.66 -5.04
C ALA B 171 8.47 10.12 -6.37
N GLY B 172 8.83 10.87 -7.44
CA GLY B 172 8.61 10.36 -8.78
C GLY B 172 9.72 9.49 -9.36
N GLY B 173 9.33 8.70 -10.37
CA GLY B 173 10.26 7.77 -11.01
C GLY B 173 11.11 8.47 -12.06
N GLY B 174 12.38 8.05 -12.19
CA GLY B 174 13.21 8.57 -13.27
C GLY B 174 12.78 8.06 -14.64
N GLY B 175 13.08 8.85 -15.67
CA GLY B 175 12.78 8.42 -17.02
C GLY B 175 13.76 7.39 -17.57
N ARG B 176 13.25 6.51 -18.45
CA ARG B 176 14.13 5.52 -19.10
C ARG B 176 14.95 6.14 -20.24
N ALA B 177 16.20 5.75 -20.35
CA ALA B 177 17.03 6.24 -21.45
C ALA B 177 16.54 5.67 -22.79
N TYR B 178 16.95 6.35 -23.87
CA TYR B 178 16.56 5.91 -25.21
C TYR B 178 16.89 4.44 -25.42
N GLY B 179 18.10 4.04 -25.04
CA GLY B 179 18.52 2.67 -25.30
C GLY B 179 18.64 1.86 -24.03
N ALA B 180 17.70 2.05 -23.11
CA ALA B 180 17.74 1.41 -21.79
C ALA B 180 17.99 -0.10 -21.85
N HIS B 186 16.26 0.30 -8.22
CA HIS B 186 16.87 1.09 -7.15
C HIS B 186 15.94 1.27 -5.94
N PRO B 187 16.48 0.97 -4.76
CA PRO B 187 15.65 0.99 -3.55
C PRO B 187 15.08 2.38 -3.28
N GLU B 188 13.91 2.39 -2.64
CA GLU B 188 13.26 3.63 -2.27
C GLU B 188 14.06 4.33 -1.18
N ARG B 189 14.35 5.61 -1.35
CA ARG B 189 15.01 6.41 -0.32
C ARG B 189 13.99 7.34 0.36
N LEU B 190 14.05 7.44 1.70
CA LEU B 190 13.12 8.25 2.49
C LEU B 190 13.87 9.09 3.52
N GLU B 191 13.60 10.40 3.54
CA GLU B 191 14.22 11.34 4.45
C GLU B 191 13.17 11.81 5.46
N ASN B 192 13.60 12.11 6.69
CA ASN B 192 12.68 12.70 7.67
C ASN B 192 13.28 13.86 8.46
N ASN B 193 14.43 14.39 8.08
CA ASN B 193 15.10 15.43 8.82
C ASN B 193 15.18 16.65 7.92
N SER B 194 14.44 17.72 8.26
CA SER B 194 14.42 18.93 7.43
C SER B 194 15.73 19.68 7.44
N SER B 195 16.71 19.28 8.28
CA SER B 195 18.00 19.92 8.13
C SER B 195 18.82 19.31 7.00
N VAL B 196 18.38 18.18 6.45
CA VAL B 196 18.97 17.71 5.21
C VAL B 196 18.21 18.43 4.12
N LEU B 197 18.87 19.30 3.39
CA LEU B 197 18.14 20.26 2.55
C LEU B 197 17.53 19.58 1.32
N GLY B 198 16.30 19.98 1.00
CA GLY B 198 15.59 19.32 -0.07
C GLY B 198 15.87 19.94 -1.43
N LEU B 199 17.03 19.61 -1.98
CA LEU B 199 17.57 20.29 -3.16
C LEU B 199 17.26 19.53 -4.45
N ASN B 200 17.43 20.22 -5.59
CA ASN B 200 17.21 19.56 -6.87
C ASN B 200 18.32 18.52 -7.12
N GLY B 201 18.00 17.55 -7.99
CA GLY B 201 18.98 16.60 -8.45
C GLY B 201 19.91 17.21 -9.52
N ASN B 202 21.01 16.48 -9.80
CA ASN B 202 21.98 16.92 -10.80
C ASN B 202 21.36 16.91 -12.18
N SER B 203 21.57 17.98 -12.93
CA SER B 203 21.20 17.99 -14.33
C SER B 203 22.46 17.83 -15.16
N GLY B 204 22.38 17.04 -16.26
CA GLY B 204 23.48 16.92 -17.21
C GLY B 204 22.92 17.34 -18.55
N ALA B 205 22.80 16.40 -19.51
CA ALA B 205 22.07 16.68 -20.74
C ALA B 205 20.58 16.56 -20.51
N ALA B 206 20.15 15.49 -19.84
CA ALA B 206 18.80 15.39 -19.28
C ALA B 206 18.73 16.17 -17.95
N GLY B 207 17.52 16.54 -17.56
CA GLY B 207 17.33 17.33 -16.35
C GLY B 207 17.23 16.47 -15.09
N GLY B 208 17.78 16.98 -13.99
CA GLY B 208 17.53 16.37 -12.70
C GLY B 208 16.12 16.68 -12.21
N GLY B 209 15.61 15.87 -11.28
CA GLY B 209 14.34 16.20 -10.66
C GLY B 209 14.40 17.44 -9.76
N GLY B 210 13.27 18.11 -9.66
CA GLY B 210 13.15 19.16 -8.66
C GLY B 210 12.97 18.63 -7.25
N GLY B 211 13.53 19.35 -6.29
CA GLY B 211 13.37 19.05 -4.88
C GLY B 211 12.28 19.88 -4.24
N TRP B 212 12.33 19.98 -2.92
CA TRP B 212 11.38 20.78 -2.14
C TRP B 212 11.68 22.27 -2.21
N ASN B 213 12.94 22.69 -2.12
CA ASN B 213 13.24 24.12 -2.07
C ASN B 213 14.63 24.35 -2.66
N ASP B 214 14.67 24.92 -3.86
CA ASP B 214 15.94 25.18 -4.51
C ASP B 214 15.74 26.36 -5.46
N ASN B 215 16.79 26.74 -6.16
CA ASN B 215 16.72 27.76 -7.20
C ASN B 215 17.11 27.04 -8.48
N THR B 216 16.16 26.95 -9.41
CA THR B 216 16.38 26.20 -10.64
C THR B 216 16.77 27.18 -11.74
N SER B 217 17.88 26.89 -12.42
CA SER B 217 18.41 27.74 -13.48
CA SER B 217 18.33 27.78 -13.48
C SER B 217 18.22 27.19 -14.88
N LEU B 218 18.34 25.87 -15.06
CA LEU B 218 18.40 25.27 -16.40
C LEU B 218 17.01 24.97 -16.93
N LEU B 219 16.84 25.22 -18.23
CA LEU B 219 15.56 25.02 -18.87
C LEU B 219 15.05 23.57 -18.72
N TRP B 220 15.96 22.58 -18.76
CA TRP B 220 15.57 21.19 -18.74
C TRP B 220 15.51 20.56 -17.35
N ALA B 221 15.89 21.31 -16.32
CA ALA B 221 15.79 20.82 -14.94
C ALA B 221 14.34 20.91 -14.44
N GLY B 222 13.93 19.92 -13.67
CA GLY B 222 12.64 20.02 -13.00
C GLY B 222 12.69 21.16 -11.97
N LYS B 223 11.59 21.93 -11.86
CA LYS B 223 11.60 22.99 -10.83
C LYS B 223 11.29 22.43 -9.44
N SER B 224 11.83 23.09 -8.40
CA SER B 224 11.49 22.68 -7.05
C SER B 224 10.04 23.06 -6.70
N LEU B 225 9.56 22.46 -5.62
CA LEU B 225 8.17 22.67 -5.22
C LEU B 225 7.88 24.15 -4.99
N GLN B 226 8.76 24.82 -4.23
CA GLN B 226 8.56 26.22 -3.91
C GLN B 226 8.71 27.14 -5.10
N GLU B 227 9.24 26.66 -6.23
CA GLU B 227 9.23 27.43 -7.47
C GLU B 227 8.03 27.11 -8.37
N GLY B 228 7.12 26.24 -7.93
CA GLY B 228 5.98 25.86 -8.74
C GLY B 228 6.04 24.50 -9.40
N ALA B 229 7.16 23.77 -9.29
CA ALA B 229 7.18 22.34 -9.61
C ALA B 229 6.99 22.00 -11.07
N THR B 230 7.11 22.98 -11.97
CA THR B 230 6.94 22.68 -13.39
C THR B 230 7.94 21.61 -13.87
N GLY B 231 7.46 20.70 -14.73
CA GLY B 231 8.36 19.73 -15.32
C GLY B 231 9.38 20.42 -16.22
N GLY B 232 10.58 19.83 -16.28
CA GLY B 232 11.62 20.37 -17.16
C GLY B 232 11.27 20.31 -18.64
N HIS B 233 11.86 21.24 -19.40
CA HIS B 233 11.89 21.12 -20.84
C HIS B 233 12.80 19.97 -21.27
N SER B 234 12.68 19.55 -22.54
CA SER B 234 13.69 18.64 -23.06
C SER B 234 15.01 19.34 -23.32
N CYS B 235 16.07 18.53 -23.50
CA CYS B 235 17.35 19.15 -23.81
C CYS B 235 17.25 19.96 -25.10
N PRO B 236 17.91 21.10 -25.18
CA PRO B 236 17.75 21.96 -26.36
C PRO B 236 18.08 21.31 -27.67
N GLN B 237 19.10 20.44 -27.71
CA GLN B 237 19.47 19.83 -29.00
C GLN B 237 18.37 18.93 -29.53
N ALA B 238 17.68 18.20 -28.66
CA ALA B 238 16.56 17.37 -29.13
C ALA B 238 15.45 18.23 -29.71
N MET B 239 15.17 19.39 -29.06
CA MET B 239 14.16 20.32 -29.59
C MET B 239 14.61 20.89 -30.94
N LYS B 240 15.87 21.31 -31.02
CA LYS B 240 16.39 21.98 -32.21
C LYS B 240 16.45 21.04 -33.41
N LYS B 241 16.92 19.80 -33.21
CA LYS B 241 17.20 18.91 -34.34
C LYS B 241 15.93 18.40 -35.01
N TRP B 242 14.97 17.96 -34.22
CA TRP B 242 13.79 17.33 -34.78
C TRP B 242 12.55 17.50 -33.90
N GLY B 243 12.55 18.44 -32.97
CA GLY B 243 11.42 18.68 -32.09
C GLY B 243 11.04 17.50 -31.23
N TRP B 244 12.04 16.73 -30.76
CA TRP B 244 11.70 15.57 -29.95
C TRP B 244 11.64 16.02 -28.49
N GLU B 245 10.50 16.57 -28.11
CA GLU B 245 10.31 17.12 -26.79
C GLU B 245 9.74 16.04 -25.89
N THR B 246 10.45 15.73 -24.82
CA THR B 246 9.99 14.77 -23.84
CA THR B 246 10.01 14.75 -23.82
C THR B 246 10.21 15.39 -22.46
N ARG B 247 9.16 16.01 -21.95
CA ARG B 247 9.24 16.82 -20.75
C ARG B 247 9.04 16.01 -19.49
N GLY B 248 9.54 16.58 -18.39
CA GLY B 248 9.21 16.01 -17.08
C GLY B 248 7.76 16.28 -16.68
N GLY B 249 7.25 15.47 -15.76
CA GLY B 249 5.92 15.70 -15.22
C GLY B 249 5.87 16.77 -14.13
N PHE B 250 4.72 17.42 -14.07
CA PHE B 250 4.41 18.36 -13.00
C PHE B 250 4.70 17.68 -11.67
N GLY B 251 5.28 18.45 -10.75
CA GLY B 251 5.86 17.90 -9.52
C GLY B 251 7.36 17.71 -9.59
N GLY B 252 8.02 18.38 -10.53
CA GLY B 252 9.47 18.37 -10.54
C GLY B 252 10.19 17.38 -11.44
N GLY B 253 9.50 16.69 -12.34
CA GLY B 253 10.21 15.77 -13.25
C GLY B 253 11.19 16.51 -14.16
N GLY B 254 12.41 15.95 -14.32
CA GLY B 254 13.39 16.52 -15.26
C GLY B 254 13.05 16.15 -16.71
N GLY B 255 13.40 17.05 -17.63
CA GLY B 255 13.23 16.74 -19.04
C GLY B 255 14.19 15.67 -19.53
N GLY B 256 13.78 14.95 -20.56
CA GLY B 256 14.65 13.94 -21.13
C GLY B 256 15.59 14.51 -22.22
N CYS B 257 16.70 13.79 -22.46
CA CYS B 257 17.54 14.00 -23.63
C CYS B 257 17.61 12.66 -24.36
N SER B 258 18.80 12.11 -24.58
CA SER B 258 18.90 10.68 -24.92
C SER B 258 18.92 9.86 -23.64
N SER B 259 19.57 10.39 -22.61
CA SER B 259 19.42 9.87 -21.26
CA SER B 259 19.45 9.91 -21.24
C SER B 259 18.07 10.30 -20.68
N GLY B 260 17.65 9.63 -19.61
CA GLY B 260 16.36 9.93 -18.98
C GLY B 260 16.44 11.01 -17.90
N GLY B 261 15.33 11.74 -17.74
CA GLY B 261 15.26 12.77 -16.70
C GLY B 261 15.06 12.20 -15.29
N GLY B 262 15.48 12.97 -14.28
CA GLY B 262 15.32 12.55 -12.90
C GLY B 262 13.93 12.79 -12.36
N GLY B 263 13.50 11.96 -11.41
CA GLY B 263 12.17 12.14 -10.84
C GLY B 263 12.14 13.22 -9.77
N GLY B 264 10.99 13.86 -9.62
CA GLY B 264 10.85 14.84 -8.55
C GLY B 264 10.92 14.21 -7.16
N GLY B 265 11.13 15.06 -6.16
CA GLY B 265 11.10 14.56 -4.77
C GLY B 265 11.30 15.67 -3.75
N TYR B 266 11.57 15.24 -2.50
CA TYR B 266 12.12 16.17 -1.52
C TYR B 266 13.54 16.57 -1.91
N ILE B 267 14.34 15.58 -2.28
CA ILE B 267 15.58 15.77 -3.05
C ILE B 267 15.30 15.18 -4.43
N GLY B 268 15.56 15.93 -5.48
CA GLY B 268 15.29 15.42 -6.81
C GLY B 268 16.27 14.33 -7.23
N GLY B 269 15.79 13.46 -8.11
CA GLY B 269 16.64 12.43 -8.68
C GLY B 269 17.70 12.99 -9.63
N ASN B 270 18.88 12.39 -9.57
CA ASN B 270 19.95 12.82 -10.46
C ASN B 270 19.77 12.30 -11.89
N ALA B 271 20.11 13.11 -12.87
CA ALA B 271 20.32 12.66 -14.25
C ALA B 271 21.82 12.47 -14.49
N ALA B 272 22.13 11.70 -15.53
CA ALA B 272 23.52 11.40 -15.86
C ALA B 272 24.28 12.66 -16.23
N SER B 273 25.62 12.60 -16.17
CA SER B 273 26.40 13.80 -16.48
C SER B 273 26.42 14.14 -17.96
N ASN B 274 26.37 13.13 -18.83
CA ASN B 274 26.46 13.34 -20.25
C ASN B 274 25.24 12.73 -20.92
N ASN B 275 25.17 12.85 -22.25
CA ASN B 275 24.00 12.39 -22.98
C ASN B 275 24.15 10.91 -23.37
N ASP B 276 24.38 10.09 -22.37
CA ASP B 276 24.58 8.66 -22.60
C ASP B 276 23.23 8.01 -22.86
N PRO B 277 23.02 7.38 -24.04
CA PRO B 277 21.70 6.83 -24.38
C PRO B 277 21.34 5.58 -23.63
N GLU B 278 22.22 5.08 -22.75
CA GLU B 278 21.87 3.96 -21.90
C GLU B 278 21.62 4.33 -20.46
N MET B 279 21.67 5.63 -20.09
CA MET B 279 21.58 6.05 -18.69
C MET B 279 20.18 6.53 -18.33
N ASP B 280 19.47 5.76 -17.49
CA ASP B 280 18.17 6.19 -16.96
C ASP B 280 18.39 7.36 -16.01
N GLY B 281 17.33 8.15 -15.80
CA GLY B 281 17.34 9.08 -14.69
C GLY B 281 17.02 8.36 -13.39
N GLU B 282 17.52 8.89 -12.29
CA GLU B 282 17.23 8.31 -10.97
C GLU B 282 15.90 8.81 -10.42
N ASP B 283 15.28 7.99 -9.57
CA ASP B 283 14.07 8.41 -8.87
C ASP B 283 14.40 9.48 -7.83
N GLY B 284 13.37 10.25 -7.45
CA GLY B 284 13.55 11.21 -6.38
C GLY B 284 13.65 10.54 -5.00
N VAL B 285 13.99 11.39 -4.00
CA VAL B 285 13.96 11.00 -2.58
C VAL B 285 12.64 11.45 -1.95
N SER B 286 11.98 10.54 -1.23
CA SER B 286 10.74 10.88 -0.54
C SER B 286 11.00 11.48 0.85
N PHE B 287 9.93 12.01 1.47
CA PHE B 287 10.05 12.66 2.78
C PHE B 287 8.80 12.44 3.61
N ILE B 288 8.99 12.25 4.92
CA ILE B 288 7.90 12.31 5.86
C ILE B 288 8.32 13.17 7.03
N SER B 289 7.44 14.07 7.45
CA SER B 289 7.70 14.99 8.54
C SER B 289 7.72 14.26 9.89
N PRO B 290 8.54 14.72 10.83
CA PRO B 290 8.43 14.22 12.22
C PRO B 290 7.12 14.59 12.86
N LEU B 291 6.35 15.49 12.25
CA LEU B 291 5.00 15.75 12.70
C LEU B 291 4.10 14.55 12.49
N GLY B 292 4.48 13.60 11.61
CA GLY B 292 3.67 12.42 11.37
C GLY B 292 4.38 11.12 11.76
N ILE B 293 3.61 10.04 11.66
CA ILE B 293 4.12 8.69 11.91
C ILE B 293 4.10 7.93 10.59
N LEU B 294 5.20 7.27 10.25
CA LEU B 294 5.24 6.45 9.02
C LEU B 294 4.46 5.15 9.26
N TYR B 295 3.46 4.90 8.45
CA TYR B 295 2.58 3.74 8.62
C TYR B 295 3.21 2.44 8.12
N THR B 296 4.01 2.48 7.07
CA THR B 296 4.60 1.29 6.46
C THR B 296 5.77 1.77 5.62
N PRO B 297 6.74 0.90 5.30
CA PRO B 297 7.87 1.35 4.47
C PRO B 297 7.44 1.90 3.13
N ALA B 298 8.17 2.91 2.67
CA ALA B 298 7.92 3.46 1.34
C ALA B 298 8.13 2.37 0.31
N LEU B 299 7.29 2.36 -0.74
CA LEU B 299 7.33 1.24 -1.68
C LEU B 299 6.94 1.77 -3.06
N LYS B 300 7.69 1.37 -4.09
CA LYS B 300 7.39 1.78 -5.46
C LYS B 300 6.18 0.99 -5.95
N VAL B 301 5.16 1.68 -6.45
CA VAL B 301 3.97 0.95 -6.85
C VAL B 301 3.27 1.56 -8.05
N MET B 302 3.44 2.87 -8.28
CA MET B 302 2.43 3.59 -9.05
C MET B 302 2.93 3.68 -10.50
N GLU B 303 2.14 3.15 -11.43
CA GLU B 303 2.58 3.13 -12.83
C GLU B 303 2.08 4.27 -13.69
N GLY B 304 1.24 5.16 -13.17
CA GLY B 304 0.88 6.27 -14.03
C GLY B 304 1.12 7.55 -13.30
N HIS B 305 0.10 8.41 -13.27
CA HIS B 305 0.14 9.62 -12.48
C HIS B 305 0.11 9.29 -10.99
N GLY B 306 0.46 10.29 -10.18
CA GLY B 306 0.35 10.12 -8.74
C GLY B 306 -1.08 10.26 -8.22
N GLU B 307 -1.21 10.21 -6.90
CA GLU B 307 -2.47 10.44 -6.21
C GLU B 307 -2.22 10.69 -4.74
N VAL B 308 -3.24 11.25 -4.07
CA VAL B 308 -3.25 11.38 -2.62
C VAL B 308 -4.57 10.85 -2.11
N ASN B 309 -4.52 10.05 -1.05
CA ASN B 309 -5.75 9.58 -0.41
C ASN B 309 -5.69 9.94 1.06
N ILE B 310 -6.71 10.66 1.54
CA ILE B 310 -6.79 11.07 2.94
C ILE B 310 -8.02 10.43 3.54
N LYS B 311 -7.88 9.90 4.76
CA LYS B 311 -9.05 9.33 5.42
C LYS B 311 -8.84 9.42 6.93
N HIS B 312 -9.93 9.22 7.67
CA HIS B 312 -9.80 9.19 9.13
C HIS B 312 -8.96 7.99 9.54
N TYR B 313 -8.09 8.20 10.53
CA TYR B 313 -7.19 7.12 10.93
C TYR B 313 -7.96 5.92 11.47
N LEU B 314 -7.51 4.71 11.10
CA LEU B 314 -8.01 3.45 11.65
C LEU B 314 -6.85 2.66 12.24
N ASN B 315 -6.97 2.27 13.50
CA ASN B 315 -5.96 1.45 14.17
C ASN B 315 -5.88 0.03 13.61
C ACT C . -25.28 -10.90 26.83
O ACT C . -24.73 -10.16 27.71
OXT ACT C . -24.75 -11.70 26.01
CH3 ACT C . -26.81 -10.81 26.80
C ACT D . -11.99 -28.20 20.64
O ACT D . -10.81 -27.75 20.62
OXT ACT D . -12.39 -29.36 20.35
CH3 ACT D . -13.11 -27.17 21.10
#